data_6LB5
#
_entry.id   6LB5
#
_cell.length_a   177.411
_cell.length_b   64.026
_cell.length_c   46.631
_cell.angle_alpha   90.000
_cell.angle_beta   92.771
_cell.angle_gamma   90.000
#
_symmetry.space_group_name_H-M   'C 1 2 1'
#
loop_
_entity.id
_entity.type
_entity.pdbx_description
1 polymer 'Retinoic acid receptor RXR-alpha'
2 polymer 'Nuclear receptor coactivator 2'
3 non-polymer '6-[ethyl-[3-(2-methylpropoxy)-4-propan-2-yl-phenyl]amino]pyridine-3-carboxylic acid'
4 water water
#
loop_
_entity_poly.entity_id
_entity_poly.type
_entity_poly.pdbx_seq_one_letter_code
_entity_poly.pdbx_strand_id
1 'polypeptide(L)'
;GSSHSSANEDMPVERILEAELAVEPKTETYVEANMGLNPSSPNDPVTNICQAADKQLFTLVEWAKRIPHFSELPLDDQVI
LLRAGWNELLIASFSHRSIAVKDGILLATGLHVHRNSAHSAGVGAIFDRVLTELVSKMRDMQMDKTELGCLRAIVLFNPD
SKGLSNPAEVEALREKVYASLEAYCKHKYPEQPGRFAKLLLRLPALRSIGLKCLEHLFFFKLIGDTPIDTFLMEMLEAPH
QMT
;
A,C
2 'polypeptide(L)' KHKILHRLLQDSS B,D
#
loop_
_chem_comp.id
_chem_comp.type
_chem_comp.name
_chem_comp.formula
E80 non-polymer '6-[ethyl-[3-(2-methylpropoxy)-4-propan-2-yl-phenyl]amino]pyridine-3-carboxylic acid' 'C21 H28 N2 O3'
#
# COMPACT_ATOMS: atom_id res chain seq x y z
N ASP A 10 -25.40 -4.17 8.07
CA ASP A 10 -25.42 -2.72 8.28
C ASP A 10 -24.13 -2.27 8.95
N MET A 11 -23.63 -1.09 8.55
CA MET A 11 -22.38 -0.54 9.06
C MET A 11 -22.53 0.97 9.21
N PRO A 12 -23.24 1.43 10.24
CA PRO A 12 -23.47 2.87 10.40
C PRO A 12 -22.21 3.59 10.86
N VAL A 13 -21.93 4.72 10.22
CA VAL A 13 -20.78 5.53 10.59
C VAL A 13 -20.92 6.14 11.98
N GLU A 14 -22.15 6.24 12.50
CA GLU A 14 -22.33 6.81 13.83
C GLU A 14 -21.77 5.90 14.90
N ARG A 15 -21.90 4.57 14.73
CA ARG A 15 -21.30 3.64 15.67
C ARG A 15 -19.80 3.47 15.44
N ILE A 16 -19.33 3.72 14.22
CA ILE A 16 -17.88 3.74 13.99
C ILE A 16 -17.25 4.95 14.65
N LEU A 17 -17.95 6.11 14.60
CA LEU A 17 -17.46 7.30 15.28
C LEU A 17 -17.48 7.11 16.80
N GLU A 18 -18.44 6.37 17.33
CA GLU A 18 -18.49 6.12 18.77
C GLU A 18 -17.31 5.27 19.22
N ALA A 19 -16.93 4.28 18.41
CA ALA A 19 -15.75 3.48 18.74
C ALA A 19 -14.50 4.35 18.84
N GLU A 20 -14.39 5.35 17.97
CA GLU A 20 -13.25 6.26 18.04
C GLU A 20 -13.26 7.05 19.34
N LEU A 21 -14.37 7.71 19.64
CA LEU A 21 -14.41 8.64 20.76
C LEU A 21 -14.45 7.93 22.12
N ALA A 22 -15.11 6.77 22.20
CA ALA A 22 -15.10 5.99 23.43
C ALA A 22 -13.71 5.48 23.77
N VAL A 23 -12.73 5.78 22.93
CA VAL A 23 -11.38 5.25 23.05
C VAL A 23 -10.33 6.36 23.09
N GLU A 24 -10.63 7.53 22.54
CA GLU A 24 -9.72 8.66 22.55
C GLU A 24 -9.47 9.15 23.97
N PRO A 25 -8.21 9.21 24.44
CA PRO A 25 -7.86 9.65 25.80
C PRO A 25 -8.24 11.10 26.07
N ASP A 44 14.97 8.85 26.83
CA ASP A 44 14.87 8.31 25.48
C ASP A 44 13.48 8.52 24.91
N PRO A 45 13.38 9.28 23.81
CA PRO A 45 12.08 9.42 23.15
C PRO A 45 11.52 8.11 22.64
N VAL A 46 12.39 7.23 22.13
CA VAL A 46 11.94 5.92 21.66
C VAL A 46 11.28 5.14 22.80
N THR A 47 11.86 5.24 24.00
CA THR A 47 11.28 4.55 25.15
C THR A 47 9.87 5.05 25.44
N ASN A 48 9.65 6.37 25.40
CA ASN A 48 8.31 6.90 25.65
C ASN A 48 7.35 6.50 24.55
N ILE A 49 7.82 6.47 23.30
CA ILE A 49 6.95 6.08 22.19
C ILE A 49 6.50 4.63 22.35
N CYS A 50 7.43 3.74 22.73
CA CYS A 50 7.07 2.34 22.89
C CYS A 50 6.09 2.13 24.04
N GLN A 51 6.27 2.87 25.14
CA GLN A 51 5.34 2.77 26.26
C GLN A 51 3.94 3.24 25.86
N ALA A 52 3.85 4.29 25.05
CA ALA A 52 2.55 4.73 24.57
C ALA A 52 1.92 3.70 23.63
N ALA A 53 2.75 2.97 22.87
CA ALA A 53 2.24 1.93 22.00
C ALA A 53 1.63 0.78 22.81
N ASP A 54 2.31 0.37 23.88
CA ASP A 54 1.78 -0.69 24.73
C ASP A 54 0.46 -0.27 25.38
N LYS A 55 0.39 0.97 25.84
CA LYS A 55 -0.87 1.50 26.38
C LYS A 55 -1.98 1.39 25.35
N GLN A 56 -1.70 1.71 24.08
CA GLN A 56 -2.74 1.75 23.07
C GLN A 56 -3.17 0.37 22.59
N LEU A 57 -2.29 -0.62 22.67
CA LEU A 57 -2.69 -1.98 22.33
C LEU A 57 -3.82 -2.48 23.22
N PHE A 58 -3.85 -2.06 24.49
CA PHE A 58 -4.95 -2.44 25.36
C PHE A 58 -6.25 -1.77 24.93
N THR A 59 -6.21 -0.47 24.64
CA THR A 59 -7.42 0.24 24.20
C THR A 59 -7.77 -0.07 22.76
N LEU A 60 -6.84 -0.62 21.99
CA LEU A 60 -7.17 -1.00 20.62
C LEU A 60 -8.15 -2.16 20.61
N VAL A 61 -8.00 -3.11 21.54
CA VAL A 61 -8.92 -4.25 21.60
C VAL A 61 -10.33 -3.78 21.91
N GLU A 62 -10.46 -2.86 22.87
CA GLU A 62 -11.77 -2.32 23.19
C GLU A 62 -12.36 -1.55 22.01
N TRP A 63 -11.51 -1.02 21.13
CA TRP A 63 -12.01 -0.29 19.96
C TRP A 63 -12.57 -1.25 18.92
N ALA A 64 -11.90 -2.38 18.70
CA ALA A 64 -12.36 -3.35 17.72
C ALA A 64 -13.70 -3.95 18.13
N LYS A 65 -13.87 -4.24 19.42
CA LYS A 65 -15.15 -4.76 19.91
C LYS A 65 -16.30 -3.79 19.63
N ARG A 66 -16.02 -2.50 19.64
CA ARG A 66 -17.04 -1.51 19.37
C ARG A 66 -17.30 -1.31 17.88
N ILE A 67 -16.45 -1.85 17.01
CA ILE A 67 -16.71 -1.77 15.57
C ILE A 67 -17.84 -2.73 15.22
N PRO A 68 -18.85 -2.29 14.48
CA PRO A 68 -20.01 -3.16 14.20
C PRO A 68 -19.59 -4.47 13.56
N HIS A 69 -20.10 -5.57 14.13
CA HIS A 69 -20.00 -6.95 13.65
C HIS A 69 -18.62 -7.57 13.86
N PHE A 70 -17.65 -6.85 14.43
CA PHE A 70 -16.32 -7.43 14.60
C PHE A 70 -16.35 -8.59 15.59
N SER A 71 -17.04 -8.43 16.72
CA SER A 71 -17.09 -9.49 17.72
C SER A 71 -17.92 -10.68 17.28
N GLU A 72 -18.71 -10.54 16.22
CA GLU A 72 -19.42 -11.67 15.63
C GLU A 72 -18.52 -12.58 14.82
N LEU A 73 -17.31 -12.14 14.50
CA LEU A 73 -16.35 -12.98 13.81
C LEU A 73 -15.84 -14.08 14.75
N PRO A 74 -15.37 -15.19 14.19
CA PRO A 74 -14.75 -16.22 15.05
C PRO A 74 -13.57 -15.66 15.82
N LEU A 75 -13.41 -16.15 17.06
CA LEU A 75 -12.36 -15.62 17.93
C LEU A 75 -10.98 -15.72 17.28
N ASP A 76 -10.70 -16.82 16.59
CA ASP A 76 -9.41 -16.96 15.94
C ASP A 76 -9.24 -15.98 14.80
N ASP A 77 -10.34 -15.52 14.19
CA ASP A 77 -10.26 -14.51 13.15
C ASP A 77 -10.04 -13.12 13.74
N GLN A 78 -10.65 -12.84 14.90
CA GLN A 78 -10.41 -11.57 15.57
C GLN A 78 -8.96 -11.43 15.99
N VAL A 79 -8.35 -12.54 16.43
CA VAL A 79 -6.93 -12.53 16.79
C VAL A 79 -6.07 -12.23 15.57
N ILE A 80 -6.41 -12.83 14.42
CA ILE A 80 -5.62 -12.66 13.22
C ILE A 80 -5.70 -11.21 12.73
N LEU A 81 -6.90 -10.64 12.72
CA LEU A 81 -7.06 -9.28 12.22
C LEU A 81 -6.36 -8.26 13.11
N LEU A 82 -6.40 -8.45 14.43
CA LEU A 82 -5.74 -7.51 15.31
C LEU A 82 -4.23 -7.66 15.27
N ARG A 83 -3.73 -8.88 15.13
CA ARG A 83 -2.29 -9.08 14.97
C ARG A 83 -1.81 -8.58 13.62
N ALA A 84 -2.69 -8.53 12.61
CA ALA A 84 -2.29 -8.06 11.29
C ALA A 84 -2.33 -6.54 11.18
N GLY A 85 -3.26 -5.89 11.86
CA GLY A 85 -3.48 -4.47 11.64
C GLY A 85 -3.10 -3.53 12.76
N TRP A 86 -2.76 -4.07 13.94
CA TRP A 86 -2.55 -3.23 15.11
C TRP A 86 -1.57 -2.10 14.84
N ASN A 87 -0.50 -2.38 14.09
CA ASN A 87 0.52 -1.38 13.84
C ASN A 87 -0.01 -0.26 12.95
N GLU A 88 -0.67 -0.62 11.85
CA GLU A 88 -1.29 0.41 11.00
C GLU A 88 -2.42 1.13 11.74
N LEU A 89 -3.16 0.41 12.58
CA LEU A 89 -4.27 1.03 13.29
C LEU A 89 -3.79 2.08 14.28
N LEU A 90 -2.71 1.79 15.02
CA LEU A 90 -2.20 2.75 15.99
C LEU A 90 -1.49 3.92 15.30
N ILE A 91 -0.82 3.67 14.18
CA ILE A 91 -0.17 4.74 13.44
C ILE A 91 -1.20 5.74 12.93
N ALA A 92 -2.33 5.24 12.42
CA ALA A 92 -3.39 6.12 11.96
C ALA A 92 -3.91 7.01 13.09
N SER A 93 -3.99 6.46 14.30
CA SER A 93 -4.58 7.20 15.42
C SER A 93 -3.68 8.36 15.87
N PHE A 94 -2.41 8.07 16.20
CA PHE A 94 -1.56 9.15 16.69
C PHE A 94 -1.22 10.15 15.59
N SER A 95 -1.32 9.76 14.31
CA SER A 95 -1.11 10.71 13.24
C SER A 95 -2.25 11.73 13.19
N HIS A 96 -3.49 11.24 13.24
CA HIS A 96 -4.64 12.14 13.24
C HIS A 96 -4.70 12.96 14.52
N ARG A 97 -4.35 12.35 15.65
CA ARG A 97 -4.29 13.06 16.92
C ARG A 97 -3.29 14.22 16.87
N SER A 98 -2.29 14.13 16.00
CA SER A 98 -1.21 15.11 15.94
C SER A 98 -1.46 16.21 14.91
N ILE A 99 -2.68 16.31 14.36
CA ILE A 99 -3.00 17.41 13.46
C ILE A 99 -2.87 18.75 14.18
N ALA A 100 -3.08 18.77 15.50
CA ALA A 100 -2.93 20.01 16.26
C ALA A 100 -1.46 20.37 16.45
N VAL A 101 -0.60 19.38 16.67
CA VAL A 101 0.82 19.63 16.86
C VAL A 101 1.47 19.98 15.53
N LYS A 102 2.52 20.80 15.58
CA LYS A 102 3.30 21.14 14.40
C LYS A 102 4.72 20.62 14.58
N ASP A 103 5.24 19.95 13.54
CA ASP A 103 6.53 19.26 13.59
C ASP A 103 6.62 18.36 14.82
N GLY A 104 5.54 17.65 15.11
CA GLY A 104 5.51 16.81 16.29
C GLY A 104 4.37 15.81 16.23
N ILE A 105 4.32 14.97 17.25
CA ILE A 105 3.33 13.90 17.33
C ILE A 105 2.87 13.78 18.77
N LEU A 106 1.56 13.88 18.99
CA LEU A 106 0.98 13.78 20.32
C LEU A 106 0.79 12.31 20.67
N LEU A 107 1.55 11.83 21.66
CA LEU A 107 1.44 10.46 22.12
C LEU A 107 0.20 10.29 22.99
N ALA A 108 -0.27 9.04 23.10
CA ALA A 108 -1.44 8.75 23.91
C ALA A 108 -1.21 9.02 25.38
N THR A 109 0.03 9.05 25.82
CA THR A 109 0.37 9.33 27.21
C THR A 109 0.35 10.82 27.53
N GLY A 110 0.08 11.68 26.55
CA GLY A 110 0.10 13.11 26.75
C GLY A 110 1.41 13.78 26.42
N LEU A 111 2.46 13.02 26.11
CA LEU A 111 3.78 13.57 25.83
C LEU A 111 3.90 13.97 24.36
N HIS A 112 4.53 15.12 24.13
CA HIS A 112 4.86 15.57 22.78
C HIS A 112 6.25 15.10 22.42
N VAL A 113 6.39 14.54 21.22
CA VAL A 113 7.69 14.23 20.64
C VAL A 113 7.89 15.20 19.49
N HIS A 114 8.80 16.15 19.67
CA HIS A 114 9.09 17.10 18.61
C HIS A 114 10.02 16.48 17.57
N ARG A 115 10.06 17.11 16.39
CA ARG A 115 10.84 16.59 15.28
C ARG A 115 12.33 16.48 15.63
N ASN A 116 12.86 17.44 16.39
CA ASN A 116 14.27 17.43 16.72
C ASN A 116 14.60 16.29 17.69
N SER A 117 13.71 16.02 18.64
CA SER A 117 13.94 14.93 19.58
CA SER A 117 13.94 14.93 19.58
C SER A 117 13.96 13.58 18.87
N ALA A 118 13.10 13.42 17.87
CA ALA A 118 13.07 12.16 17.12
C ALA A 118 14.31 12.00 16.26
N HIS A 119 14.75 13.08 15.61
CA HIS A 119 15.96 13.01 14.81
CA HIS A 119 15.98 13.02 14.81
C HIS A 119 17.18 12.71 15.68
N SER A 120 17.30 13.40 16.82
CA SER A 120 18.39 13.15 17.74
C SER A 120 18.38 11.73 18.32
N ALA A 121 17.27 11.00 18.17
CA ALA A 121 17.16 9.63 18.65
C ALA A 121 17.43 8.61 17.54
N GLY A 122 17.66 9.05 16.30
CA GLY A 122 17.94 8.15 15.21
C GLY A 122 16.74 7.63 14.46
N VAL A 123 15.55 8.21 14.65
CA VAL A 123 14.34 7.76 13.97
C VAL A 123 13.70 8.89 13.18
N GLY A 124 14.48 9.92 12.84
CA GLY A 124 13.91 11.07 12.14
C GLY A 124 13.34 10.73 10.78
N ALA A 125 13.89 9.72 10.11
CA ALA A 125 13.43 9.35 8.77
C ALA A 125 12.00 8.85 8.79
N ILE A 126 11.72 7.83 9.60
CA ILE A 126 10.35 7.33 9.71
C ILE A 126 9.45 8.38 10.35
N PHE A 127 10.01 9.23 11.21
CA PHE A 127 9.23 10.31 11.81
C PHE A 127 8.80 11.32 10.76
N ASP A 128 9.70 11.69 9.84
CA ASP A 128 9.35 12.61 8.77
C ASP A 128 8.30 12.00 7.83
N ARG A 129 8.37 10.69 7.59
CA ARG A 129 7.40 10.05 6.72
C ARG A 129 6.00 10.13 7.30
N VAL A 130 5.88 9.89 8.60
CA VAL A 130 4.59 10.04 9.27
C VAL A 130 4.11 11.48 9.17
N LEU A 131 5.01 12.44 9.37
CA LEU A 131 4.63 13.85 9.32
C LEU A 131 4.19 14.27 7.92
N THR A 132 4.91 13.85 6.90
CA THR A 132 4.63 14.34 5.56
C THR A 132 3.52 13.55 4.87
N GLU A 133 3.52 12.23 5.01
CA GLU A 133 2.59 11.38 4.28
C GLU A 133 1.27 11.16 5.02
N LEU A 134 1.20 11.46 6.31
CA LEU A 134 -0.01 11.20 7.07
C LEU A 134 -0.52 12.46 7.77
N VAL A 135 0.19 12.90 8.82
CA VAL A 135 -0.28 14.01 9.66
C VAL A 135 -0.63 15.22 8.80
N SER A 136 0.33 15.69 8.01
CA SER A 136 0.09 16.88 7.19
C SER A 136 -0.93 16.62 6.10
N LYS A 137 -0.97 15.41 5.54
CA LYS A 137 -2.00 15.08 4.56
C LYS A 137 -3.37 15.02 5.22
N MET A 138 -3.44 14.55 6.46
CA MET A 138 -4.70 14.56 7.19
C MET A 138 -5.12 15.99 7.52
N ARG A 139 -4.15 16.87 7.81
CA ARG A 139 -4.49 18.24 8.18
C ARG A 139 -4.95 19.05 6.96
N ASP A 140 -4.29 18.86 5.82
CA ASP A 140 -4.62 19.63 4.63
C ASP A 140 -6.08 19.43 4.21
N MET A 141 -6.52 18.17 4.16
CA MET A 141 -7.89 17.86 3.77
C MET A 141 -8.86 17.90 4.94
N GLN A 142 -8.39 18.20 6.15
CA GLN A 142 -9.22 18.24 7.35
C GLN A 142 -10.01 16.95 7.52
N MET A 143 -9.30 15.83 7.45
CA MET A 143 -9.92 14.53 7.69
C MET A 143 -10.55 14.51 9.08
N ASP A 144 -11.87 14.31 9.12
CA ASP A 144 -12.57 14.29 10.40
C ASP A 144 -12.46 12.91 11.03
N LYS A 145 -12.98 12.79 12.25
CA LYS A 145 -12.81 11.56 13.02
C LYS A 145 -13.71 10.43 12.52
N THR A 146 -14.77 10.75 11.78
CA THR A 146 -15.59 9.69 11.20
C THR A 146 -14.86 9.01 10.04
N GLU A 147 -14.28 9.80 9.15
CA GLU A 147 -13.50 9.25 8.04
C GLU A 147 -12.33 8.44 8.56
N LEU A 148 -11.62 8.95 9.58
CA LEU A 148 -10.52 8.20 10.18
C LEU A 148 -11.00 6.85 10.70
N GLY A 149 -12.12 6.84 11.42
CA GLY A 149 -12.62 5.58 11.95
C GLY A 149 -12.97 4.57 10.89
N CYS A 150 -13.50 5.04 9.75
CA CYS A 150 -13.83 4.12 8.66
C CYS A 150 -12.56 3.56 8.03
N LEU A 151 -11.54 4.39 7.82
CA LEU A 151 -10.27 3.89 7.30
C LEU A 151 -9.66 2.88 8.25
N ARG A 152 -9.72 3.13 9.55
CA ARG A 152 -9.23 2.15 10.52
C ARG A 152 -10.07 0.89 10.48
N ALA A 153 -11.37 1.02 10.27
CA ALA A 153 -12.23 -0.14 10.12
C ALA A 153 -11.89 -0.92 8.84
N ILE A 154 -11.61 -0.21 7.75
CA ILE A 154 -11.19 -0.85 6.51
C ILE A 154 -9.87 -1.60 6.74
N VAL A 155 -8.92 -0.95 7.41
CA VAL A 155 -7.67 -1.62 7.76
C VAL A 155 -7.95 -2.85 8.61
N LEU A 156 -8.87 -2.73 9.57
CA LEU A 156 -9.20 -3.84 10.44
C LEU A 156 -9.74 -5.03 9.64
N PHE A 157 -10.78 -4.80 8.85
CA PHE A 157 -11.39 -5.85 8.03
C PHE A 157 -10.54 -6.09 6.78
N ASN A 158 -9.36 -6.66 7.01
CA ASN A 158 -8.39 -6.93 5.97
C ASN A 158 -8.57 -8.35 5.43
N PRO A 159 -9.20 -8.51 4.27
CA PRO A 159 -9.51 -9.87 3.78
C PRO A 159 -8.29 -10.66 3.35
N ASP A 160 -7.14 -10.01 3.18
CA ASP A 160 -5.93 -10.69 2.75
C ASP A 160 -5.12 -11.28 3.91
N SER A 161 -5.53 -11.02 5.16
CA SER A 161 -4.80 -11.55 6.30
C SER A 161 -4.75 -13.06 6.24
N LYS A 162 -3.53 -13.61 6.28
CA LYS A 162 -3.36 -15.05 6.15
C LYS A 162 -4.00 -15.77 7.34
N GLY A 163 -4.71 -16.86 7.05
CA GLY A 163 -5.27 -17.72 8.06
C GLY A 163 -6.72 -17.49 8.41
N LEU A 164 -7.39 -16.52 7.78
CA LEU A 164 -8.79 -16.27 8.06
C LEU A 164 -9.64 -17.49 7.68
N SER A 165 -10.55 -17.86 8.58
CA SER A 165 -11.43 -18.98 8.30
C SER A 165 -12.45 -18.65 7.21
N ASN A 166 -12.93 -17.42 7.18
CA ASN A 166 -13.91 -16.98 6.18
C ASN A 166 -13.49 -15.62 5.64
N PRO A 167 -12.57 -15.60 4.67
CA PRO A 167 -12.09 -14.31 4.13
C PRO A 167 -13.19 -13.47 3.52
N ALA A 168 -14.14 -14.09 2.81
CA ALA A 168 -15.20 -13.32 2.17
C ALA A 168 -16.13 -12.68 3.19
N GLU A 169 -16.23 -13.27 4.39
CA GLU A 169 -16.98 -12.61 5.46
C GLU A 169 -16.30 -11.30 5.86
N VAL A 170 -14.97 -11.32 5.98
CA VAL A 170 -14.23 -10.10 6.31
C VAL A 170 -14.26 -9.13 5.13
N GLU A 171 -14.18 -9.65 3.90
CA GLU A 171 -14.26 -8.79 2.73
C GLU A 171 -15.61 -8.10 2.65
N ALA A 172 -16.69 -8.84 2.95
CA ALA A 172 -18.02 -8.23 2.96
C ALA A 172 -18.12 -7.12 4.00
N LEU A 173 -17.49 -7.32 5.17
CA LEU A 173 -17.46 -6.27 6.18
C LEU A 173 -16.73 -5.03 5.67
N ARG A 174 -15.60 -5.23 4.98
CA ARG A 174 -14.84 -4.10 4.45
C ARG A 174 -15.67 -3.32 3.42
N GLU A 175 -16.38 -4.04 2.54
CA GLU A 175 -17.18 -3.37 1.53
C GLU A 175 -18.26 -2.50 2.14
N LYS A 176 -18.90 -2.98 3.22
CA LYS A 176 -19.92 -2.19 3.89
C LYS A 176 -19.32 -0.95 4.54
N VAL A 177 -18.11 -1.06 5.08
CA VAL A 177 -17.46 0.10 5.69
C VAL A 177 -17.24 1.19 4.64
N TYR A 178 -16.63 0.84 3.51
CA TYR A 178 -16.35 1.89 2.55
C TYR A 178 -17.58 2.30 1.75
N ALA A 179 -18.61 1.45 1.71
CA ALA A 179 -19.90 1.90 1.20
C ALA A 179 -20.48 2.98 2.11
N SER A 180 -20.43 2.75 3.43
CA SER A 180 -20.90 3.75 4.38
C SER A 180 -20.03 4.99 4.35
N LEU A 181 -18.73 4.82 4.14
CA LEU A 181 -17.82 5.97 4.10
C LEU A 181 -18.11 6.86 2.90
N GLU A 182 -18.29 6.25 1.72
CA GLU A 182 -18.57 7.05 0.54
C GLU A 182 -19.90 7.78 0.68
N ALA A 183 -20.90 7.13 1.27
CA ALA A 183 -22.17 7.80 1.55
C ALA A 183 -21.98 8.98 2.48
N TYR A 184 -21.19 8.79 3.55
CA TYR A 184 -20.91 9.89 4.47
C TYR A 184 -20.19 11.04 3.76
N CYS A 185 -19.28 10.72 2.85
CA CYS A 185 -18.51 11.77 2.18
C CYS A 185 -19.38 12.56 1.20
N LYS A 186 -20.26 11.87 0.46
CA LYS A 186 -21.18 12.59 -0.41
C LYS A 186 -22.17 13.41 0.40
N HIS A 187 -22.45 12.98 1.64
CA HIS A 187 -23.40 13.70 2.49
C HIS A 187 -22.74 14.89 3.18
N LYS A 188 -21.60 14.66 3.83
CA LYS A 188 -20.97 15.71 4.64
C LYS A 188 -20.23 16.72 3.77
N TYR A 189 -19.57 16.25 2.70
CA TYR A 189 -18.79 17.13 1.82
C TYR A 189 -19.28 16.94 0.38
N PRO A 190 -20.50 17.37 0.07
CA PRO A 190 -21.03 17.16 -1.29
C PRO A 190 -20.29 17.96 -2.36
N GLU A 191 -19.54 18.99 -1.97
CA GLU A 191 -18.77 19.79 -2.91
C GLU A 191 -17.39 19.21 -3.20
N GLN A 192 -17.03 18.08 -2.58
CA GLN A 192 -15.74 17.42 -2.76
C GLN A 192 -15.99 16.04 -3.36
N PRO A 193 -16.16 15.95 -4.67
CA PRO A 193 -16.49 14.65 -5.28
C PRO A 193 -15.38 13.61 -5.18
N GLY A 194 -14.12 14.04 -5.13
CA GLY A 194 -13.02 13.12 -5.03
C GLY A 194 -12.52 12.84 -3.63
N ARG A 195 -13.23 13.30 -2.60
CA ARG A 195 -12.74 13.15 -1.23
C ARG A 195 -12.69 11.69 -0.80
N PHE A 196 -13.68 10.89 -1.24
CA PHE A 196 -13.71 9.49 -0.86
C PHE A 196 -12.46 8.75 -1.32
N ALA A 197 -12.08 8.94 -2.59
CA ALA A 197 -10.88 8.27 -3.10
C ALA A 197 -9.62 8.81 -2.45
N LYS A 198 -9.59 10.13 -2.17
CA LYS A 198 -8.44 10.74 -1.51
C LYS A 198 -8.20 10.08 -0.16
N LEU A 199 -9.27 9.74 0.55
CA LEU A 199 -9.14 9.00 1.81
C LEU A 199 -8.56 7.61 1.59
N LEU A 200 -9.10 6.87 0.62
CA LEU A 200 -8.63 5.50 0.40
C LEU A 200 -7.17 5.46 -0.03
N LEU A 201 -6.69 6.51 -0.70
CA LEU A 201 -5.34 6.53 -1.24
C LEU A 201 -4.30 7.01 -0.24
N ARG A 202 -4.66 7.15 1.03
CA ARG A 202 -3.68 7.26 2.10
C ARG A 202 -3.29 5.90 2.67
N LEU A 203 -4.03 4.85 2.31
CA LEU A 203 -3.81 3.51 2.85
C LEU A 203 -2.51 2.86 2.36
N PRO A 204 -2.08 3.05 1.11
CA PRO A 204 -0.77 2.48 0.72
C PRO A 204 0.38 3.06 1.53
N ALA A 205 0.43 4.38 1.69
CA ALA A 205 1.47 5.00 2.52
C ALA A 205 1.37 4.51 3.96
N LEU A 206 0.15 4.34 4.47
CA LEU A 206 -0.02 3.79 5.82
C LEU A 206 0.54 2.38 5.91
N ARG A 207 0.24 1.53 4.92
CA ARG A 207 0.81 0.19 4.87
C ARG A 207 2.33 0.25 4.80
N SER A 208 2.87 1.19 4.04
CA SER A 208 4.32 1.31 3.89
C SER A 208 4.97 1.78 5.19
N ILE A 209 4.37 2.78 5.84
CA ILE A 209 4.92 3.28 7.09
C ILE A 209 4.75 2.24 8.20
N GLY A 210 3.67 1.47 8.16
CA GLY A 210 3.48 0.42 9.15
C GLY A 210 4.56 -0.64 9.09
N LEU A 211 4.93 -1.07 7.87
CA LEU A 211 6.00 -2.05 7.73
C LEU A 211 7.33 -1.49 8.22
N LYS A 212 7.59 -0.21 7.97
CA LYS A 212 8.84 0.39 8.43
C LYS A 212 8.87 0.48 9.96
N CYS A 213 7.76 0.92 10.57
CA CYS A 213 7.71 0.97 12.03
CA CYS A 213 7.72 0.98 12.02
C CYS A 213 7.91 -0.41 12.64
N LEU A 214 7.38 -1.45 11.99
CA LEU A 214 7.59 -2.81 12.48
C LEU A 214 9.06 -3.19 12.43
N GLU A 215 9.76 -2.83 11.35
CA GLU A 215 11.18 -3.12 11.24
C GLU A 215 11.96 -2.47 12.37
N HIS A 216 11.63 -1.22 12.70
CA HIS A 216 12.30 -0.56 13.82
C HIS A 216 12.04 -1.29 15.12
N LEU A 217 10.78 -1.70 15.37
CA LEU A 217 10.45 -2.37 16.62
C LEU A 217 11.20 -3.68 16.78
N PHE A 218 11.31 -4.47 15.71
CA PHE A 218 12.09 -5.70 15.78
C PHE A 218 13.56 -5.39 16.02
N PHE A 219 14.09 -4.35 15.39
CA PHE A 219 15.49 -3.98 15.59
C PHE A 219 15.75 -3.60 17.04
N PHE A 220 14.82 -2.88 17.67
CA PHE A 220 14.97 -2.55 19.08
C PHE A 220 14.93 -3.80 19.94
N LYS A 221 14.08 -4.76 19.58
CA LYS A 221 13.97 -6.00 20.34
C LYS A 221 15.20 -6.88 20.14
N LEU A 222 15.78 -6.86 18.94
CA LEU A 222 16.99 -7.64 18.69
C LEU A 222 18.18 -7.09 19.47
N ILE A 223 18.39 -5.77 19.40
CA ILE A 223 19.52 -5.16 20.09
C ILE A 223 19.29 -5.18 21.60
N GLY A 224 18.04 -4.97 22.03
CA GLY A 224 17.70 -5.09 23.43
C GLY A 224 17.94 -3.86 24.28
N ASP A 225 18.45 -2.77 23.71
CA ASP A 225 18.73 -1.56 24.47
C ASP A 225 17.50 -0.69 24.69
N THR A 226 16.31 -1.18 24.34
CA THR A 226 15.08 -0.41 24.47
C THR A 226 14.06 -1.23 25.24
N PRO A 227 13.50 -0.70 26.33
CA PRO A 227 12.48 -1.46 27.07
C PRO A 227 11.21 -1.61 26.25
N ILE A 228 10.65 -2.82 26.28
CA ILE A 228 9.45 -3.17 25.53
C ILE A 228 8.51 -3.88 26.49
N ASP A 229 7.33 -3.28 26.73
CA ASP A 229 6.38 -3.81 27.70
C ASP A 229 5.77 -5.11 27.19
N THR A 230 4.88 -5.68 27.99
CA THR A 230 4.43 -7.06 27.78
C THR A 230 3.59 -7.19 26.51
N PHE A 231 2.56 -6.35 26.36
CA PHE A 231 1.65 -6.50 25.23
C PHE A 231 2.35 -6.20 23.91
N LEU A 232 3.14 -5.11 23.87
CA LEU A 232 3.92 -4.82 22.67
C LEU A 232 4.92 -5.93 22.37
N MET A 233 5.47 -6.56 23.42
CA MET A 233 6.34 -7.71 23.21
C MET A 233 5.55 -8.90 22.65
N GLU A 234 4.29 -9.06 23.08
CA GLU A 234 3.48 -10.17 22.58
C GLU A 234 3.15 -10.00 21.11
N MET A 235 2.99 -8.76 20.64
CA MET A 235 2.71 -8.52 19.23
C MET A 235 3.93 -8.72 18.34
N LEU A 236 5.13 -8.75 18.92
CA LEU A 236 6.35 -8.98 18.17
C LEU A 236 6.82 -10.44 18.21
N GLU A 237 6.08 -11.31 18.88
CA GLU A 237 6.38 -12.74 18.86
C GLU A 237 5.64 -13.41 17.70
N ALA A 238 5.88 -14.71 17.54
CA ALA A 238 5.26 -15.47 16.46
C ALA A 238 3.74 -15.45 16.55
N HIS B 2 -0.21 -16.12 22.59
CA HIS B 2 -1.00 -14.90 22.52
C HIS B 2 -1.89 -14.78 23.75
N LYS B 3 -1.26 -14.81 24.92
CA LYS B 3 -2.01 -14.84 26.18
C LYS B 3 -2.84 -13.57 26.36
N ILE B 4 -2.20 -12.40 26.25
CA ILE B 4 -2.87 -11.14 26.54
C ILE B 4 -4.00 -10.88 25.56
N LEU B 5 -3.76 -11.09 24.27
CA LEU B 5 -4.76 -10.77 23.25
C LEU B 5 -5.99 -11.68 23.37
N HIS B 6 -5.79 -12.94 23.77
CA HIS B 6 -6.93 -13.84 23.94
C HIS B 6 -7.81 -13.41 25.12
N ARG B 7 -7.18 -13.04 26.23
CA ARG B 7 -7.95 -12.68 27.43
C ARG B 7 -8.77 -11.42 27.20
N LEU B 8 -8.17 -10.39 26.59
CA LEU B 8 -8.87 -9.14 26.36
C LEU B 8 -10.00 -9.28 25.35
N LEU B 9 -9.92 -10.26 24.44
CA LEU B 9 -10.99 -10.48 23.48
C LEU B 9 -12.15 -11.27 24.06
N GLN B 10 -11.92 -12.04 25.12
CA GLN B 10 -12.98 -12.82 25.75
C GLN B 10 -13.57 -12.01 26.89
N ASP B 11 -14.64 -11.27 26.56
CA ASP B 11 -15.40 -10.53 27.57
C ASP B 11 -16.73 -10.07 26.99
N ASP C 10 -7.01 17.63 -18.65
CA ASP C 10 -7.90 16.47 -18.78
C ASP C 10 -7.11 15.17 -18.63
N MET C 11 -7.82 14.04 -18.54
CA MET C 11 -7.18 12.73 -18.35
C MET C 11 -8.08 11.65 -18.94
N PRO C 12 -8.11 11.52 -20.27
CA PRO C 12 -9.01 10.54 -20.90
C PRO C 12 -8.52 9.11 -20.70
N VAL C 13 -9.45 8.24 -20.31
CA VAL C 13 -9.11 6.84 -20.08
C VAL C 13 -8.70 6.15 -21.38
N GLU C 14 -9.22 6.63 -22.52
CA GLU C 14 -8.85 6.03 -23.80
C GLU C 14 -7.35 6.16 -24.06
N ARG C 15 -6.77 7.33 -23.73
CA ARG C 15 -5.34 7.51 -23.90
C ARG C 15 -4.55 6.60 -22.95
N ILE C 16 -5.05 6.40 -21.74
CA ILE C 16 -4.40 5.50 -20.81
C ILE C 16 -4.47 4.07 -21.31
N LEU C 17 -5.64 3.64 -21.82
CA LEU C 17 -5.76 2.31 -22.38
C LEU C 17 -4.81 2.10 -23.56
N GLU C 18 -4.70 3.11 -24.43
CA GLU C 18 -3.78 3.02 -25.55
C GLU C 18 -2.35 2.81 -25.08
N ALA C 19 -1.99 3.42 -23.94
CA ALA C 19 -0.65 3.24 -23.41
C ALA C 19 -0.42 1.80 -22.93
N GLU C 20 -1.47 1.14 -22.43
CA GLU C 20 -1.33 -0.25 -22.02
C GLU C 20 -1.09 -1.16 -23.21
N LEU C 21 -1.96 -1.09 -24.23
CA LEU C 21 -1.85 -1.99 -25.37
C LEU C 21 -0.59 -1.74 -26.17
N ALA C 22 -0.13 -0.49 -26.25
CA ALA C 22 1.06 -0.17 -27.04
C ALA C 22 2.30 -0.84 -26.50
N VAL C 23 2.34 -1.14 -25.19
CA VAL C 23 3.49 -1.79 -24.57
C VAL C 23 3.17 -3.23 -24.17
N GLU C 24 2.02 -3.74 -24.59
CA GLU C 24 1.62 -5.09 -24.22
C GLU C 24 2.49 -6.11 -24.94
N PRO C 25 2.91 -7.18 -24.25
CA PRO C 25 3.69 -8.23 -24.94
C PRO C 25 2.85 -8.92 -26.01
N LYS C 26 3.53 -9.41 -27.04
CA LYS C 26 2.89 -10.00 -28.20
C LYS C 26 2.84 -11.51 -28.10
N THR C 27 1.78 -12.10 -28.67
CA THR C 27 1.63 -13.55 -28.71
C THR C 27 2.85 -14.21 -29.33
N GLU C 28 3.39 -13.61 -30.38
CA GLU C 28 4.68 -13.94 -30.97
C GLU C 28 5.71 -14.40 -29.95
N THR C 29 5.88 -13.62 -28.87
CA THR C 29 6.96 -13.86 -27.92
C THR C 29 6.71 -15.12 -27.10
N TYR C 30 5.45 -15.38 -26.74
CA TYR C 30 5.13 -16.61 -26.01
C TYR C 30 5.31 -17.84 -26.89
N VAL C 31 4.87 -17.75 -28.15
CA VAL C 31 5.04 -18.88 -29.07
C VAL C 31 6.52 -19.17 -29.29
N GLU C 32 7.35 -18.13 -29.36
CA GLU C 32 8.77 -18.33 -29.60
C GLU C 32 9.49 -18.96 -28.41
N ALA C 33 8.96 -18.79 -27.20
CA ALA C 33 9.61 -19.31 -26.01
C ALA C 33 8.90 -20.56 -25.49
N ASN C 43 18.20 -20.37 -18.43
CA ASN C 43 17.60 -21.56 -17.82
C ASN C 43 17.26 -21.32 -16.34
N ASP C 44 18.09 -20.53 -15.68
CA ASP C 44 17.90 -20.26 -14.25
C ASP C 44 16.68 -19.37 -14.06
N PRO C 45 15.70 -19.78 -13.24
CA PRO C 45 14.46 -18.98 -13.12
C PRO C 45 14.68 -17.53 -12.71
N VAL C 46 15.44 -17.30 -11.63
CA VAL C 46 15.62 -15.93 -11.15
C VAL C 46 16.33 -15.07 -12.18
N THR C 47 17.31 -15.64 -12.89
CA THR C 47 17.99 -14.90 -13.94
C THR C 47 17.01 -14.52 -15.06
N ASN C 48 16.14 -15.45 -15.44
CA ASN C 48 15.14 -15.15 -16.46
C ASN C 48 14.19 -14.06 -16.01
N ILE C 49 13.71 -14.15 -14.76
CA ILE C 49 12.80 -13.14 -14.24
C ILE C 49 13.47 -11.77 -14.22
N CYS C 50 14.76 -11.73 -13.84
CA CYS C 50 15.47 -10.46 -13.79
C CYS C 50 15.70 -9.89 -15.18
N GLN C 51 15.96 -10.77 -16.16
CA GLN C 51 16.10 -10.30 -17.54
C GLN C 51 14.77 -9.76 -18.07
N ALA C 52 13.65 -10.38 -17.68
CA ALA C 52 12.35 -9.86 -18.06
C ALA C 52 12.10 -8.50 -17.43
N ALA C 53 12.57 -8.31 -16.18
CA ALA C 53 12.37 -7.02 -15.52
C ALA C 53 13.15 -5.92 -16.22
N ASP C 54 14.40 -6.19 -16.59
CA ASP C 54 15.21 -5.21 -17.29
C ASP C 54 14.58 -4.84 -18.63
N LYS C 55 14.11 -5.84 -19.38
CA LYS C 55 13.44 -5.59 -20.64
C LYS C 55 12.22 -4.69 -20.45
N GLN C 56 11.44 -4.94 -19.40
CA GLN C 56 10.21 -4.22 -19.16
C GLN C 56 10.42 -2.80 -18.64
N LEU C 57 11.58 -2.51 -18.05
CA LEU C 57 11.84 -1.14 -17.61
C LEU C 57 11.93 -0.19 -18.80
N PHE C 58 12.51 -0.66 -19.91
CA PHE C 58 12.56 0.17 -21.12
C PHE C 58 11.17 0.46 -21.65
N THR C 59 10.29 -0.54 -21.71
CA THR C 59 8.93 -0.30 -22.15
C THR C 59 8.12 0.44 -21.11
N LEU C 60 8.58 0.47 -19.85
CA LEU C 60 7.92 1.27 -18.83
C LEU C 60 8.12 2.76 -19.09
N VAL C 61 9.30 3.14 -19.59
CA VAL C 61 9.54 4.54 -19.92
C VAL C 61 8.64 4.97 -21.07
N GLU C 62 8.53 4.14 -22.11
CA GLU C 62 7.65 4.44 -23.23
C GLU C 62 6.19 4.49 -22.78
N TRP C 63 5.82 3.63 -21.82
CA TRP C 63 4.46 3.65 -21.30
C TRP C 63 4.18 4.97 -20.59
N ALA C 64 5.11 5.41 -19.72
CA ALA C 64 4.89 6.64 -18.97
C ALA C 64 4.76 7.84 -19.89
N LYS C 65 5.56 7.89 -20.96
CA LYS C 65 5.45 8.99 -21.91
C LYS C 65 4.08 9.07 -22.56
N ARG C 66 3.36 7.96 -22.63
CA ARG C 66 2.03 7.93 -23.23
C ARG C 66 0.91 8.18 -22.22
N ILE C 67 1.24 8.31 -20.94
CA ILE C 67 0.25 8.70 -19.94
C ILE C 67 0.08 10.22 -19.99
N PRO C 68 -1.14 10.72 -20.11
CA PRO C 68 -1.34 12.16 -20.32
C PRO C 68 -0.63 13.01 -19.27
N HIS C 69 0.07 14.04 -19.74
CA HIS C 69 0.66 15.10 -18.93
C HIS C 69 1.94 14.66 -18.22
N PHE C 70 2.27 13.37 -18.26
CA PHE C 70 3.46 12.90 -17.56
C PHE C 70 4.70 13.58 -18.11
N SER C 71 4.83 13.65 -19.44
CA SER C 71 6.00 14.28 -20.03
C SER C 71 6.06 15.78 -19.78
N GLU C 72 4.94 16.42 -19.51
CA GLU C 72 4.91 17.86 -19.20
C GLU C 72 5.48 18.17 -17.81
N LEU C 73 5.66 17.16 -16.96
CA LEU C 73 6.29 17.37 -15.67
C LEU C 73 7.77 17.72 -15.85
N PRO C 74 8.40 18.33 -14.85
CA PRO C 74 9.84 18.53 -14.91
C PRO C 74 10.57 17.20 -15.06
N LEU C 75 11.72 17.25 -15.74
CA LEU C 75 12.45 16.02 -16.01
C LEU C 75 12.88 15.33 -14.73
N ASP C 76 13.28 16.10 -13.72
CA ASP C 76 13.65 15.51 -12.44
C ASP C 76 12.47 14.84 -11.76
N ASP C 77 11.26 15.36 -11.96
CA ASP C 77 10.09 14.71 -11.38
C ASP C 77 9.72 13.44 -12.13
N GLN C 78 9.95 13.40 -13.44
CA GLN C 78 9.73 12.17 -14.19
C GLN C 78 10.71 11.09 -13.75
N VAL C 79 11.96 11.47 -13.49
CA VAL C 79 12.95 10.55 -12.96
C VAL C 79 12.51 10.01 -11.61
N ILE C 80 12.04 10.89 -10.74
CA ILE C 80 11.66 10.48 -9.39
C ILE C 80 10.42 9.59 -9.41
N LEU C 81 9.43 9.95 -10.23
CA LEU C 81 8.21 9.14 -10.28
C LEU C 81 8.49 7.72 -10.78
N LEU C 82 9.37 7.59 -11.77
CA LEU C 82 9.67 6.27 -12.32
C LEU C 82 10.58 5.46 -11.42
N ARG C 83 11.54 6.11 -10.74
CA ARG C 83 12.37 5.38 -9.79
C ARG C 83 11.59 4.93 -8.57
N ALA C 84 10.59 5.71 -8.16
CA ALA C 84 9.77 5.32 -7.01
C ALA C 84 8.73 4.28 -7.38
N GLY C 85 8.24 4.27 -8.62
CA GLY C 85 7.08 3.46 -8.94
C GLY C 85 7.32 2.22 -9.79
N TRP C 86 8.53 2.09 -10.37
CA TRP C 86 8.76 1.05 -11.38
C TRP C 86 8.47 -0.34 -10.84
N ASN C 87 8.83 -0.60 -9.58
CA ASN C 87 8.64 -1.93 -9.01
C ASN C 87 7.16 -2.29 -8.94
N GLU C 88 6.34 -1.41 -8.39
CA GLU C 88 4.91 -1.65 -8.32
C GLU C 88 4.28 -1.68 -9.71
N LEU C 89 4.73 -0.78 -10.60
CA LEU C 89 4.16 -0.71 -11.94
C LEU C 89 4.37 -2.01 -12.70
N LEU C 90 5.57 -2.59 -12.61
CA LEU C 90 5.85 -3.83 -13.31
C LEU C 90 5.13 -5.01 -12.67
N ILE C 91 5.01 -5.02 -11.34
CA ILE C 91 4.28 -6.09 -10.67
C ILE C 91 2.81 -6.06 -11.07
N ALA C 92 2.23 -4.86 -11.18
CA ALA C 92 0.84 -4.74 -11.59
C ALA C 92 0.65 -5.29 -13.00
N SER C 93 1.63 -5.07 -13.88
CA SER C 93 1.51 -5.52 -15.27
C SER C 93 1.52 -7.05 -15.36
N PHE C 94 2.58 -7.70 -14.85
CA PHE C 94 2.61 -9.14 -15.03
C PHE C 94 1.58 -9.86 -14.17
N SER C 95 1.01 -9.18 -13.16
CA SER C 95 -0.08 -9.77 -12.39
C SER C 95 -1.37 -9.80 -13.18
N HIS C 96 -1.73 -8.67 -13.80
CA HIS C 96 -2.93 -8.62 -14.61
C HIS C 96 -2.78 -9.45 -15.88
N ARG C 97 -1.58 -9.42 -16.48
CA ARG C 97 -1.32 -10.22 -17.66
C ARG C 97 -1.54 -11.70 -17.40
N SER C 98 -1.23 -12.15 -16.18
CA SER C 98 -1.30 -13.56 -15.83
C SER C 98 -2.72 -14.06 -15.55
N ILE C 99 -3.74 -13.21 -15.65
CA ILE C 99 -5.10 -13.72 -15.53
C ILE C 99 -5.53 -14.48 -16.77
N ALA C 100 -4.82 -14.28 -17.90
CA ALA C 100 -5.18 -14.96 -19.13
C ALA C 100 -4.89 -16.45 -19.08
N VAL C 101 -4.07 -16.90 -18.13
CA VAL C 101 -3.76 -18.31 -17.96
C VAL C 101 -4.25 -18.77 -16.60
N LYS C 102 -4.32 -20.09 -16.44
CA LYS C 102 -4.95 -20.67 -15.25
C LYS C 102 -4.08 -20.55 -14.01
N ASP C 103 -2.76 -20.45 -14.16
CA ASP C 103 -1.87 -20.44 -13.00
C ASP C 103 -0.56 -19.77 -13.37
N GLY C 104 0.22 -19.46 -12.34
CA GLY C 104 1.56 -18.95 -12.56
C GLY C 104 1.62 -17.52 -13.07
N ILE C 105 2.81 -17.12 -13.50
CA ILE C 105 3.09 -15.77 -13.96
C ILE C 105 3.68 -15.84 -15.37
N LEU C 106 3.08 -15.10 -16.30
CA LEU C 106 3.62 -14.94 -17.64
C LEU C 106 4.61 -13.79 -17.66
N LEU C 107 5.87 -14.09 -17.95
CA LEU C 107 6.86 -13.03 -18.12
C LEU C 107 6.73 -12.39 -19.51
N ALA C 108 7.22 -11.16 -19.62
CA ALA C 108 7.16 -10.45 -20.88
C ALA C 108 8.07 -11.07 -21.93
N THR C 109 9.06 -11.85 -21.51
CA THR C 109 9.93 -12.60 -22.42
C THR C 109 9.26 -13.85 -22.98
N GLY C 110 8.06 -14.18 -22.53
CA GLY C 110 7.36 -15.36 -22.98
C GLY C 110 7.46 -16.55 -22.05
N LEU C 111 8.39 -16.53 -21.10
CA LEU C 111 8.53 -17.64 -20.17
C LEU C 111 7.38 -17.64 -19.16
N HIS C 112 7.01 -18.83 -18.73
CA HIS C 112 5.84 -19.06 -17.89
C HIS C 112 6.31 -19.67 -16.58
N VAL C 113 6.31 -18.87 -15.52
CA VAL C 113 6.82 -19.29 -14.21
C VAL C 113 5.68 -19.93 -13.42
N HIS C 114 5.82 -21.20 -13.10
CA HIS C 114 4.83 -21.94 -12.33
C HIS C 114 5.25 -22.03 -10.86
N ARG C 115 4.29 -22.43 -10.02
CA ARG C 115 4.50 -22.39 -8.58
C ARG C 115 5.65 -23.28 -8.15
N ASN C 116 5.82 -24.42 -8.81
CA ASN C 116 6.95 -25.31 -8.51
C ASN C 116 8.28 -24.58 -8.70
N SER C 117 8.47 -23.99 -9.88
CA SER C 117 9.74 -23.33 -10.18
CA SER C 117 9.74 -23.33 -10.18
C SER C 117 9.98 -22.16 -9.24
N ALA C 118 8.93 -21.40 -8.90
CA ALA C 118 9.08 -20.25 -8.02
C ALA C 118 9.53 -20.68 -6.64
N HIS C 119 8.90 -21.71 -6.07
CA HIS C 119 9.27 -22.17 -4.74
C HIS C 119 10.67 -22.79 -4.73
N SER C 120 11.01 -23.55 -5.76
CA SER C 120 12.35 -24.14 -5.82
C SER C 120 13.42 -23.07 -5.95
N ALA C 121 13.11 -21.94 -6.59
CA ALA C 121 14.08 -20.88 -6.79
C ALA C 121 14.21 -19.94 -5.60
N GLY C 122 13.36 -20.08 -4.59
CA GLY C 122 13.46 -19.29 -3.38
C GLY C 122 12.57 -18.06 -3.30
N VAL C 123 11.50 -18.01 -4.09
CA VAL C 123 10.61 -16.84 -4.07
C VAL C 123 9.16 -17.30 -4.00
N GLY C 124 8.92 -18.46 -3.38
CA GLY C 124 7.59 -19.03 -3.39
C GLY C 124 6.56 -18.22 -2.60
N ALA C 125 6.97 -17.67 -1.45
CA ALA C 125 6.03 -16.94 -0.61
C ALA C 125 5.60 -15.63 -1.26
N ILE C 126 6.55 -14.92 -1.88
CA ILE C 126 6.18 -13.68 -2.56
C ILE C 126 5.41 -13.99 -3.84
N PHE C 127 5.77 -15.08 -4.52
CA PHE C 127 5.01 -15.54 -5.68
C PHE C 127 3.56 -15.83 -5.29
N ASP C 128 3.35 -16.50 -4.16
CA ASP C 128 1.99 -16.82 -3.71
C ASP C 128 1.21 -15.55 -3.40
N ARG C 129 1.85 -14.57 -2.77
CA ARG C 129 1.18 -13.31 -2.47
C ARG C 129 0.71 -12.62 -3.75
N VAL C 130 1.53 -12.68 -4.81
CA VAL C 130 1.13 -12.13 -6.09
C VAL C 130 -0.12 -12.85 -6.60
N LEU C 131 -0.12 -14.18 -6.51
CA LEU C 131 -1.24 -14.95 -7.04
C LEU C 131 -2.50 -14.73 -6.24
N THR C 132 -2.40 -14.76 -4.90
CA THR C 132 -3.61 -14.69 -4.10
C THR C 132 -4.13 -13.26 -4.00
N GLU C 133 -3.25 -12.30 -3.68
CA GLU C 133 -3.68 -10.93 -3.41
C GLU C 133 -3.84 -10.08 -4.67
N LEU C 134 -3.18 -10.43 -5.78
CA LEU C 134 -3.26 -9.63 -6.99
C LEU C 134 -3.88 -10.39 -8.15
N VAL C 135 -3.25 -11.48 -8.61
CA VAL C 135 -3.72 -12.17 -9.81
C VAL C 135 -5.16 -12.67 -9.62
N SER C 136 -5.40 -13.42 -8.55
CA SER C 136 -6.71 -14.04 -8.38
C SER C 136 -7.81 -13.01 -8.15
N LYS C 137 -7.50 -11.91 -7.46
CA LYS C 137 -8.48 -10.84 -7.30
C LYS C 137 -8.77 -10.16 -8.63
N MET C 138 -7.74 -9.94 -9.45
CA MET C 138 -7.96 -9.35 -10.77
C MET C 138 -8.83 -10.25 -11.64
N ARG C 139 -8.59 -11.56 -11.59
CA ARG C 139 -9.40 -12.49 -12.36
C ARG C 139 -10.82 -12.59 -11.81
N ASP C 140 -10.97 -12.52 -10.48
CA ASP C 140 -12.29 -12.63 -9.88
C ASP C 140 -13.21 -11.49 -10.31
N MET C 141 -12.76 -10.25 -10.13
CA MET C 141 -13.57 -9.09 -10.50
C MET C 141 -13.50 -8.78 -11.99
N GLN C 142 -12.76 -9.58 -12.77
CA GLN C 142 -12.56 -9.37 -14.20
C GLN C 142 -12.14 -7.92 -14.48
N MET C 143 -11.02 -7.55 -13.89
CA MET C 143 -10.45 -6.22 -14.10
C MET C 143 -9.97 -6.10 -15.54
N ASP C 144 -10.48 -5.10 -16.26
CA ASP C 144 -10.08 -4.89 -17.65
C ASP C 144 -8.84 -4.00 -17.72
N LYS C 145 -8.27 -3.92 -18.93
CA LYS C 145 -7.00 -3.22 -19.10
C LYS C 145 -7.14 -1.72 -18.87
N THR C 146 -8.33 -1.16 -19.10
CA THR C 146 -8.53 0.26 -18.85
C THR C 146 -8.43 0.57 -17.37
N GLU C 147 -9.04 -0.26 -16.52
CA GLU C 147 -8.94 -0.08 -15.08
C GLU C 147 -7.51 -0.32 -14.59
N LEU C 148 -6.82 -1.29 -15.18
CA LEU C 148 -5.43 -1.56 -14.81
C LEU C 148 -4.52 -0.39 -15.17
N GLY C 149 -4.70 0.16 -16.38
CA GLY C 149 -3.90 1.31 -16.76
C GLY C 149 -4.12 2.49 -15.84
N CYS C 150 -5.37 2.75 -15.45
CA CYS C 150 -5.65 3.84 -14.52
C CYS C 150 -4.98 3.60 -13.17
N LEU C 151 -5.04 2.35 -12.68
CA LEU C 151 -4.38 2.03 -11.42
C LEU C 151 -2.87 2.27 -11.50
N ARG C 152 -2.26 1.86 -12.62
CA ARG C 152 -0.83 2.10 -12.79
C ARG C 152 -0.54 3.59 -12.87
N ALA C 153 -1.39 4.36 -13.56
CA ALA C 153 -1.20 5.81 -13.63
C ALA C 153 -1.33 6.45 -12.25
N ILE C 154 -2.25 5.94 -11.43
CA ILE C 154 -2.34 6.40 -10.04
C ILE C 154 -1.05 6.07 -9.29
N VAL C 155 -0.54 4.85 -9.46
CA VAL C 155 0.74 4.47 -8.87
C VAL C 155 1.85 5.38 -9.40
N LEU C 156 1.82 5.67 -10.71
CA LEU C 156 2.83 6.53 -11.31
C LEU C 156 2.80 7.93 -10.71
N PHE C 157 1.61 8.51 -10.61
CA PHE C 157 1.45 9.86 -10.08
C PHE C 157 1.36 9.80 -8.55
N ASN C 158 2.50 9.45 -7.96
CA ASN C 158 2.61 9.30 -6.50
C ASN C 158 3.15 10.61 -5.92
N PRO C 159 2.32 11.46 -5.32
CA PRO C 159 2.81 12.76 -4.84
C PRO C 159 3.63 12.67 -3.57
N ASP C 160 3.72 11.49 -2.94
CA ASP C 160 4.52 11.28 -1.74
C ASP C 160 5.98 10.97 -2.05
N SER C 161 6.34 10.85 -3.33
CA SER C 161 7.71 10.56 -3.71
C SER C 161 8.64 11.67 -3.22
N LYS C 162 9.70 11.27 -2.52
CA LYS C 162 10.61 12.25 -1.94
C LYS C 162 11.36 12.98 -3.04
N GLY C 163 11.53 14.30 -2.85
CA GLY C 163 12.33 15.10 -3.73
C GLY C 163 11.62 15.77 -4.88
N LEU C 164 10.33 15.51 -5.08
CA LEU C 164 9.61 16.11 -6.20
C LEU C 164 9.65 17.63 -6.10
N SER C 165 10.00 18.27 -7.21
CA SER C 165 10.04 19.72 -7.23
C SER C 165 8.65 20.34 -7.31
N ASN C 166 7.67 19.59 -7.81
CA ASN C 166 6.28 20.05 -7.90
C ASN C 166 5.35 18.90 -7.52
N PRO C 167 5.22 18.61 -6.23
CA PRO C 167 4.34 17.51 -5.81
C PRO C 167 2.87 17.81 -6.02
N ALA C 168 2.47 19.08 -5.98
CA ALA C 168 1.05 19.43 -6.11
C ALA C 168 0.51 19.07 -7.49
N GLU C 169 1.31 19.30 -8.54
CA GLU C 169 0.88 18.90 -9.88
C GLU C 169 0.74 17.39 -9.99
N VAL C 170 1.71 16.65 -9.44
CA VAL C 170 1.60 15.19 -9.44
C VAL C 170 0.32 14.76 -8.73
N GLU C 171 0.00 15.39 -7.60
CA GLU C 171 -1.25 15.08 -6.91
C GLU C 171 -2.46 15.45 -7.75
N ALA C 172 -2.40 16.60 -8.44
CA ALA C 172 -3.50 16.98 -9.32
C ALA C 172 -3.71 15.94 -10.40
N LEU C 173 -2.63 15.47 -11.01
CA LEU C 173 -2.74 14.47 -12.07
C LEU C 173 -3.31 13.16 -11.54
N ARG C 174 -2.86 12.72 -10.36
CA ARG C 174 -3.43 11.51 -9.76
C ARG C 174 -4.92 11.66 -9.53
N GLU C 175 -5.36 12.83 -9.05
CA GLU C 175 -6.77 13.07 -8.82
C GLU C 175 -7.55 13.09 -10.13
N LYS C 176 -6.94 13.59 -11.21
CA LYS C 176 -7.62 13.55 -12.50
C LYS C 176 -7.75 12.12 -13.01
N VAL C 177 -6.78 11.26 -12.71
CA VAL C 177 -6.84 9.88 -13.19
C VAL C 177 -7.97 9.12 -12.51
N TYR C 178 -8.07 9.21 -11.18
CA TYR C 178 -9.09 8.40 -10.51
C TYR C 178 -10.48 9.02 -10.60
N ALA C 179 -10.58 10.31 -10.94
CA ALA C 179 -11.88 10.86 -11.31
C ALA C 179 -12.37 10.24 -12.62
N SER C 180 -11.48 10.10 -13.60
CA SER C 180 -11.84 9.43 -14.85
C SER C 180 -12.12 7.94 -14.61
N LEU C 181 -11.34 7.31 -13.74
CA LEU C 181 -11.54 5.89 -13.45
C LEU C 181 -12.91 5.64 -12.85
N GLU C 182 -13.33 6.47 -11.89
CA GLU C 182 -14.64 6.29 -11.27
C GLU C 182 -15.75 6.50 -12.30
N ALA C 183 -15.61 7.49 -13.17
CA ALA C 183 -16.60 7.69 -14.23
C ALA C 183 -16.66 6.49 -15.16
N TYR C 184 -15.51 5.95 -15.53
CA TYR C 184 -15.48 4.78 -16.41
C TYR C 184 -16.13 3.57 -15.75
N CYS C 185 -15.85 3.35 -14.46
CA CYS C 185 -16.41 2.18 -13.77
C CYS C 185 -17.91 2.28 -13.62
N LYS C 186 -18.42 3.45 -13.21
CA LYS C 186 -19.85 3.60 -13.03
C LYS C 186 -20.59 3.56 -14.36
N HIS C 187 -19.92 3.92 -15.46
CA HIS C 187 -20.57 3.88 -16.77
C HIS C 187 -20.55 2.48 -17.36
N LYS C 188 -19.43 1.76 -17.24
CA LYS C 188 -19.30 0.44 -17.82
C LYS C 188 -19.85 -0.66 -16.92
N TYR C 189 -19.73 -0.53 -15.61
CA TYR C 189 -20.23 -1.51 -14.65
C TYR C 189 -21.22 -0.85 -13.69
N PRO C 190 -22.37 -0.38 -14.18
CA PRO C 190 -23.29 0.36 -13.31
C PRO C 190 -23.92 -0.49 -12.22
N GLU C 191 -23.91 -1.82 -12.36
CA GLU C 191 -24.49 -2.70 -11.37
C GLU C 191 -23.55 -3.02 -10.21
N GLN C 192 -22.30 -2.53 -10.26
CA GLN C 192 -21.30 -2.76 -9.22
C GLN C 192 -20.90 -1.42 -8.64
N PRO C 193 -21.64 -0.90 -7.66
CA PRO C 193 -21.36 0.46 -7.17
C PRO C 193 -20.03 0.58 -6.43
N GLY C 194 -19.55 -0.49 -5.81
CA GLY C 194 -18.29 -0.45 -5.10
C GLY C 194 -17.07 -0.87 -5.91
N ARG C 195 -17.22 -1.03 -7.22
CA ARG C 195 -16.12 -1.54 -8.03
C ARG C 195 -14.93 -0.58 -8.03
N PHE C 196 -15.21 0.72 -8.07
CA PHE C 196 -14.13 1.72 -8.08
C PHE C 196 -13.30 1.62 -6.81
N ALA C 197 -13.96 1.56 -5.65
CA ALA C 197 -13.24 1.43 -4.39
C ALA C 197 -12.49 0.09 -4.31
N LYS C 198 -13.08 -0.96 -4.88
CA LYS C 198 -12.43 -2.26 -4.87
C LYS C 198 -11.11 -2.22 -5.65
N LEU C 199 -11.09 -1.48 -6.76
CA LEU C 199 -9.86 -1.30 -7.52
C LEU C 199 -8.80 -0.61 -6.67
N LEU C 200 -9.17 0.50 -6.01
CA LEU C 200 -8.19 1.28 -5.25
C LEU C 200 -7.66 0.48 -4.06
N LEU C 201 -8.44 -0.45 -3.53
CA LEU C 201 -8.06 -1.15 -2.33
C LEU C 201 -7.15 -2.36 -2.60
N ARG C 202 -6.74 -2.56 -3.85
CA ARG C 202 -5.64 -3.47 -4.14
C ARG C 202 -4.27 -2.80 -4.05
N LEU C 203 -4.24 -1.46 -3.91
CA LEU C 203 -2.99 -0.73 -3.92
C LEU C 203 -2.18 -0.91 -2.63
N PRO C 204 -2.81 -1.02 -1.46
CA PRO C 204 -2.01 -1.40 -0.27
C PRO C 204 -1.28 -2.72 -0.43
N ALA C 205 -1.96 -3.74 -0.97
CA ALA C 205 -1.29 -5.01 -1.19
C ALA C 205 -0.16 -4.88 -2.20
N LEU C 206 -0.40 -4.11 -3.27
CA LEU C 206 0.65 -3.87 -4.26
C LEU C 206 1.86 -3.20 -3.62
N ARG C 207 1.62 -2.18 -2.79
CA ARG C 207 2.71 -1.52 -2.08
C ARG C 207 3.48 -2.51 -1.21
N SER C 208 2.76 -3.38 -0.50
CA SER C 208 3.42 -4.36 0.36
C SER C 208 4.17 -5.41 -0.45
N ILE C 209 3.55 -5.91 -1.52
CA ILE C 209 4.20 -6.91 -2.36
C ILE C 209 5.37 -6.30 -3.13
N GLY C 210 5.27 -5.02 -3.47
CA GLY C 210 6.40 -4.35 -4.11
C GLY C 210 7.59 -4.26 -3.19
N LEU C 211 7.36 -3.85 -1.94
CA LEU C 211 8.45 -3.76 -0.97
C LEU C 211 9.09 -5.13 -0.74
N LYS C 212 8.28 -6.17 -0.61
CA LYS C 212 8.83 -7.50 -0.37
C LYS C 212 9.61 -8.01 -1.57
N CYS C 213 9.17 -7.66 -2.79
CA CYS C 213 9.89 -8.10 -3.98
CA CYS C 213 9.88 -8.09 -3.99
C CYS C 213 11.26 -7.45 -4.07
N LEU C 214 11.35 -6.16 -3.76
CA LEU C 214 12.65 -5.48 -3.78
C LEU C 214 13.63 -6.14 -2.82
N GLU C 215 13.15 -6.59 -1.66
CA GLU C 215 14.03 -7.23 -0.68
C GLU C 215 14.68 -8.48 -1.27
N HIS C 216 13.91 -9.28 -2.01
CA HIS C 216 14.50 -10.43 -2.68
C HIS C 216 15.49 -9.99 -3.74
N LEU C 217 15.12 -8.97 -4.52
CA LEU C 217 15.98 -8.49 -5.59
C LEU C 217 17.31 -7.99 -5.05
N PHE C 218 17.28 -7.20 -3.98
CA PHE C 218 18.53 -6.72 -3.38
C PHE C 218 19.38 -7.85 -2.85
N PHE C 219 18.75 -8.91 -2.35
CA PHE C 219 19.53 -10.05 -1.88
C PHE C 219 20.21 -10.77 -3.04
N PHE C 220 19.45 -11.09 -4.09
CA PHE C 220 20.05 -11.71 -5.27
C PHE C 220 21.17 -10.86 -5.84
N LYS C 221 21.01 -9.54 -5.81
CA LYS C 221 22.09 -8.66 -6.25
C LYS C 221 23.29 -8.79 -5.34
N LEU C 222 23.07 -8.87 -4.01
CA LEU C 222 24.17 -8.94 -3.07
C LEU C 222 25.00 -10.22 -3.27
N ILE C 223 24.33 -11.35 -3.50
CA ILE C 223 25.03 -12.61 -3.69
C ILE C 223 25.95 -12.53 -4.91
N GLY C 224 25.50 -11.88 -5.97
CA GLY C 224 26.32 -11.66 -7.14
C GLY C 224 26.37 -12.81 -8.14
N ASP C 225 25.62 -13.88 -7.90
CA ASP C 225 25.52 -14.99 -8.84
C ASP C 225 24.34 -14.84 -9.80
N THR C 226 23.69 -13.69 -9.81
CA THR C 226 22.53 -13.45 -10.68
C THR C 226 22.84 -12.32 -11.65
N PRO C 227 22.93 -12.59 -12.95
CA PRO C 227 23.15 -11.50 -13.91
C PRO C 227 22.02 -10.48 -13.85
N ILE C 228 22.40 -9.22 -13.62
CA ILE C 228 21.45 -8.12 -13.56
C ILE C 228 21.87 -7.12 -14.62
N ASP C 229 21.02 -6.96 -15.64
CA ASP C 229 21.36 -6.13 -16.78
C ASP C 229 21.36 -4.64 -16.39
N THR C 230 21.71 -3.79 -17.35
CA THR C 230 22.14 -2.43 -17.04
C THR C 230 21.02 -1.61 -16.39
N PHE C 231 19.84 -1.59 -17.00
CA PHE C 231 18.78 -0.70 -16.54
C PHE C 231 18.29 -1.13 -15.16
N LEU C 232 18.01 -2.41 -14.98
CA LEU C 232 17.60 -2.92 -13.67
C LEU C 232 18.68 -2.66 -12.63
N MET C 233 19.95 -2.81 -13.01
CA MET C 233 21.04 -2.49 -12.09
C MET C 233 21.04 -1.01 -11.73
N GLU C 234 20.72 -0.14 -12.69
CA GLU C 234 20.69 1.29 -12.41
C GLU C 234 19.54 1.64 -11.47
N MET C 235 18.40 0.96 -11.60
CA MET C 235 17.28 1.22 -10.70
C MET C 235 17.60 0.79 -9.28
N LEU C 236 18.45 -0.23 -9.11
CA LEU C 236 18.74 -0.77 -7.78
C LEU C 236 19.82 0.01 -7.04
N GLU C 237 20.53 0.91 -7.70
CA GLU C 237 21.61 1.67 -7.08
C GLU C 237 21.17 3.12 -6.96
N ALA C 238 20.99 3.59 -5.72
CA ALA C 238 20.50 4.94 -5.45
C ALA C 238 21.45 6.01 -5.99
N LYS D 1 24.05 10.63 -11.92
CA LYS D 1 23.48 9.31 -11.76
C LYS D 1 22.23 9.14 -12.62
N HIS D 2 21.66 7.94 -12.59
CA HIS D 2 20.46 7.60 -13.39
C HIS D 2 20.72 7.83 -14.87
N LYS D 3 21.82 7.26 -15.36
CA LYS D 3 22.29 7.54 -16.71
C LYS D 3 21.27 7.12 -17.77
N ILE D 4 20.80 5.86 -17.69
CA ILE D 4 19.92 5.33 -18.74
C ILE D 4 18.54 5.97 -18.67
N LEU D 5 17.99 6.13 -17.46
CA LEU D 5 16.65 6.68 -17.32
C LEU D 5 16.58 8.11 -17.83
N HIS D 6 17.60 8.92 -17.54
CA HIS D 6 17.62 10.30 -18.06
C HIS D 6 17.67 10.32 -19.58
N ARG D 7 18.47 9.44 -20.18
CA ARG D 7 18.58 9.40 -21.63
C ARG D 7 17.25 9.04 -22.27
N LEU D 8 16.60 7.97 -21.78
CA LEU D 8 15.35 7.53 -22.37
C LEU D 8 14.25 8.56 -22.20
N LEU D 9 14.25 9.28 -21.09
CA LEU D 9 13.23 10.31 -20.88
C LEU D 9 13.49 11.55 -21.72
N GLN D 10 14.75 11.80 -22.08
CA GLN D 10 15.11 13.00 -22.82
C GLN D 10 14.43 13.04 -24.18
N ASP D 11 14.27 11.87 -24.82
CA ASP D 11 13.61 11.78 -26.11
C ASP D 11 12.16 12.27 -26.05
CAA E80 E . 7.57 3.08 17.23
CAB E80 E . 6.68 4.01 16.66
CAC E80 E . 5.31 3.92 16.87
CAD E80 E . 4.79 2.89 17.66
CAE E80 E . 5.66 1.96 18.21
CAF E80 E . 7.03 2.06 18.02
CAG E80 E . 8.97 3.11 17.07
CAH E80 E . 9.38 2.95 15.61
CAI E80 E . 9.60 4.36 17.69
CAJ E80 E . 6.47 6.20 15.86
CAK E80 E . 7.32 7.26 15.14
CAL E80 E . 7.69 6.75 13.75
CAM E80 E . 6.50 8.54 14.98
CAN E80 E . 2.81 1.48 17.46
CAO E80 E . 2.44 1.60 15.98
CAP E80 E . 2.77 3.67 18.54
CAQ E80 E . 3.37 4.72 19.24
CAR E80 E . 2.58 5.66 19.89
CAS E80 E . 1.20 5.54 19.86
CAT E80 E . 0.62 4.48 19.17
CAX E80 E . 0.40 6.47 20.52
NAV E80 E . 3.48 2.73 17.89
NAW E80 E . 1.43 3.55 18.52
OAU E80 E . 7.23 5.00 15.90
OAY E80 E . -0.84 6.44 20.37
OAZ E80 E . 0.92 7.35 21.25
CAA E80 F . 12.01 -10.50 -9.22
CAB E80 F . 10.63 -10.55 -9.48
CAC E80 F . 10.04 -9.60 -10.31
CAD E80 F . 10.80 -8.61 -10.92
CAE E80 F . 12.17 -8.55 -10.66
CAF E80 F . 12.76 -9.49 -9.82
CAG E80 F . 12.70 -11.40 -8.39
CAH E80 F . 12.21 -11.38 -6.93
CAI E80 F . 12.67 -12.83 -8.96
CAJ E80 F . 8.57 -11.60 -9.46
CAK E80 F . 7.75 -12.73 -8.83
CAL E80 F . 8.45 -14.08 -9.04
CAM E80 F . 7.58 -12.49 -7.32
CAN E80 F . 10.27 -6.26 -11.30
CAO E80 F . 9.05 -6.01 -10.42
CAP E80 F . 9.67 -8.02 -12.87
CAQ E80 F . 9.80 -9.29 -13.42
CAR E80 F . 9.17 -9.61 -14.62
CAS E80 F . 8.42 -8.64 -15.27
CAT E80 F . 8.30 -7.37 -14.72
CAX E80 F . 7.78 -8.95 -16.47
NAV E80 F . 10.26 -7.66 -11.72
NAW E80 F . 8.94 -7.08 -13.52
OAU E80 F . 9.88 -11.53 -8.90
OAY E80 F . 6.84 -8.24 -16.87
OAZ E80 F . 8.12 -9.97 -17.12
#